data_7RGJ
#
_entry.id   7RGJ
#
_cell.length_a   72.279
_cell.length_b   72.279
_cell.length_c   120.148
_cell.angle_alpha   90.000
_cell.angle_beta   90.000
_cell.angle_gamma   120.000
#
_symmetry.space_group_name_H-M   'P 31 2 1'
#
loop_
_entity.id
_entity.type
_entity.pdbx_description
1 polymer 'Dihydrofolate reductase type 1'
2 non-polymer 'NADP NICOTINAMIDE-ADENINE-DINUCLEOTIDE PHOSPHATE'
3 non-polymer 'CALCIUM ION'
4 non-polymer 5-[(3S)-3-{7-[4-(aminomethyl)phenyl]-2H-1,3-benzodioxol-5-yl}but-1-yn-1-yl]-6-ethylpyrimidine-2,4-diamine
5 non-polymer 5-[(3R)-3-{7-[4-(aminomethyl)phenyl]-2H-1,3-benzodioxol-5-yl}but-1-yn-1-yl]-6-ethylpyrimidine-2,4-diamine
6 water water
#
_entity_poly.entity_id   1
_entity_poly.type   'polypeptide(L)'
_entity_poly.pdbx_seq_one_letter_code
;MKLSLMVAISKNGVIGNGPDIPWSAKGEQLLFKAITYNQWLLVGRKTFESMGALPNRKYAVVTRSSFTSDNENVLIFPSI
KDALTNLKKITDHVIVSGGGEIYKSLIDQVDTLHISTIDIEPEGDVYFPEIPSNFRPVFTQDFASNINYSYQIWQKG
;
_entity_poly.pdbx_strand_id   A,B
#
# COMPACT_ATOMS: atom_id res chain seq x y z
N MET A 1 14.02 17.33 -2.81
CA MET A 1 12.72 16.79 -3.15
C MET A 1 12.71 15.50 -3.94
N LYS A 2 12.16 14.46 -3.34
CA LYS A 2 11.91 13.21 -4.04
C LYS A 2 10.62 13.29 -4.85
N LEU A 3 10.65 12.69 -6.04
CA LEU A 3 9.48 12.56 -6.91
C LEU A 3 9.12 11.08 -7.02
N SER A 4 7.89 10.74 -6.65
CA SER A 4 7.33 9.44 -6.94
C SER A 4 6.32 9.59 -8.07
N LEU A 5 5.87 8.45 -8.60
CA LEU A 5 4.86 8.42 -9.65
C LEU A 5 3.97 7.23 -9.37
N MET A 6 2.66 7.41 -9.50
CA MET A 6 1.73 6.31 -9.28
C MET A 6 0.72 6.26 -10.40
N VAL A 7 0.52 5.06 -10.95
CA VAL A 7 -0.36 4.87 -12.11
C VAL A 7 -0.88 3.44 -12.09
N ALA A 8 -2.05 3.25 -12.69
CA ALA A 8 -2.61 1.95 -13.03
C ALA A 8 -2.64 1.81 -14.55
N ILE A 9 -1.95 0.79 -15.06
CA ILE A 9 -1.79 0.59 -16.50
C ILE A 9 -2.46 -0.72 -16.88
N SER A 10 -3.33 -0.69 -17.88
CA SER A 10 -3.95 -1.93 -18.35
C SER A 10 -2.96 -2.72 -19.22
N LYS A 11 -3.37 -3.92 -19.62
N LYS A 11 -3.40 -3.92 -19.60
CA LYS A 11 -2.45 -4.85 -20.25
CA LYS A 11 -2.53 -4.88 -20.27
C LYS A 11 -2.13 -4.51 -21.70
C LYS A 11 -2.01 -4.32 -21.59
N ASN A 12 -2.84 -3.58 -22.32
CA ASN A 12 -2.49 -3.03 -23.62
C ASN A 12 -1.87 -1.63 -23.54
N GLY A 13 -1.46 -1.21 -22.34
CA GLY A 13 -0.83 0.08 -22.12
C GLY A 13 -1.77 1.25 -21.91
N VAL A 14 -3.08 1.05 -22.10
CA VAL A 14 -4.05 2.13 -21.94
C VAL A 14 -4.17 2.52 -20.48
N ILE A 15 -4.09 3.82 -20.21
CA ILE A 15 -4.41 4.38 -18.89
C ILE A 15 -5.68 5.21 -18.89
N GLY A 16 -6.21 5.61 -20.05
CA GLY A 16 -7.36 6.51 -20.07
C GLY A 16 -8.10 6.42 -21.38
N ASN A 17 -9.39 6.75 -21.32
CA ASN A 17 -10.25 6.85 -22.50
C ASN A 17 -10.98 8.19 -22.36
N GLY A 18 -10.57 9.18 -23.13
CA GLY A 18 -11.08 10.52 -22.91
C GLY A 18 -10.82 10.94 -21.48
N PRO A 19 -11.87 11.35 -20.76
CA PRO A 19 -11.70 11.78 -19.37
C PRO A 19 -11.75 10.64 -18.36
N ASP A 20 -11.92 9.41 -18.80
CA ASP A 20 -12.23 8.30 -17.90
C ASP A 20 -11.07 7.32 -17.79
N ILE A 21 -11.00 6.65 -16.64
CA ILE A 21 -10.22 5.42 -16.51
C ILE A 21 -11.13 4.28 -16.93
N PRO A 22 -10.81 3.56 -17.99
CA PRO A 22 -11.79 2.67 -18.63
C PRO A 22 -11.90 1.28 -18.01
N TRP A 23 -12.00 1.23 -16.69
CA TRP A 23 -12.18 -0.03 -15.97
C TRP A 23 -12.52 0.29 -14.52
N SER A 24 -12.91 -0.75 -13.79
CA SER A 24 -13.08 -0.68 -12.35
C SER A 24 -12.50 -1.97 -11.78
N ALA A 25 -11.37 -1.86 -11.08
CA ALA A 25 -10.70 -3.01 -10.49
C ALA A 25 -10.86 -2.85 -8.99
N LYS A 26 -11.83 -3.55 -8.41
CA LYS A 26 -12.15 -3.33 -7.01
C LYS A 26 -10.96 -3.67 -6.13
N GLY A 27 -10.63 -2.77 -5.21
CA GLY A 27 -9.49 -2.90 -4.34
C GLY A 27 -8.29 -2.08 -4.77
N GLU A 28 -8.10 -1.89 -6.08
CA GLU A 28 -6.89 -1.22 -6.53
C GLU A 28 -6.80 0.22 -6.04
N GLN A 29 -7.95 0.92 -6.00
CA GLN A 29 -7.96 2.30 -5.53
C GLN A 29 -7.45 2.42 -4.10
N LEU A 30 -7.52 1.35 -3.31
CA LEU A 30 -6.99 1.41 -1.95
C LEU A 30 -5.49 1.67 -1.95
N LEU A 31 -4.76 1.13 -2.93
CA LEU A 31 -3.33 1.38 -3.02
C LEU A 31 -3.06 2.86 -3.25
N PHE A 32 -3.80 3.44 -4.19
CA PHE A 32 -3.64 4.87 -4.47
C PHE A 32 -4.00 5.71 -3.24
N LYS A 33 -5.10 5.37 -2.57
CA LYS A 33 -5.49 6.14 -1.40
C LYS A 33 -4.43 6.03 -0.30
N ALA A 34 -3.89 4.82 -0.09
CA ALA A 34 -2.93 4.63 0.98
C ALA A 34 -1.63 5.39 0.72
N ILE A 35 -1.11 5.29 -0.50
CA ILE A 35 0.18 5.90 -0.82
C ILE A 35 0.09 7.43 -0.88
N THR A 36 -1.07 7.97 -1.25
CA THR A 36 -1.21 9.42 -1.39
C THR A 36 -1.71 10.13 -0.15
N TYR A 37 -1.97 9.41 0.96
CA TYR A 37 -2.58 10.03 2.13
C TYR A 37 -1.71 11.15 2.68
N ASN A 38 -2.31 12.34 2.80
CA ASN A 38 -1.61 13.54 3.29
C ASN A 38 -0.34 13.85 2.49
N GLN A 39 -0.34 13.55 1.19
CA GLN A 39 0.80 13.83 0.33
C GLN A 39 0.47 14.93 -0.65
N TRP A 40 1.53 15.49 -1.23
CA TRP A 40 1.41 16.42 -2.37
C TRP A 40 1.34 15.61 -3.66
N LEU A 41 0.33 15.88 -4.47
CA LEU A 41 0.14 15.23 -5.77
C LEU A 41 0.36 16.28 -6.85
N LEU A 42 1.16 15.94 -7.86
CA LEU A 42 1.33 16.78 -9.03
C LEU A 42 0.47 16.19 -10.13
N VAL A 43 -0.47 16.99 -10.65
CA VAL A 43 -1.46 16.50 -11.61
C VAL A 43 -1.66 17.51 -12.73
N GLY A 44 -1.95 16.97 -13.91
CA GLY A 44 -2.37 17.82 -15.00
C GLY A 44 -3.78 18.31 -14.81
N ARG A 45 -4.11 19.40 -15.51
CA ARG A 45 -5.41 20.03 -15.30
C ARG A 45 -6.55 19.10 -15.68
N LYS A 46 -6.40 18.31 -16.75
CA LYS A 46 -7.49 17.45 -17.17
C LYS A 46 -7.80 16.40 -16.11
N THR A 47 -6.75 15.79 -15.54
CA THR A 47 -6.96 14.81 -14.48
C THR A 47 -7.56 15.45 -13.24
N PHE A 48 -7.08 16.63 -12.85
CA PHE A 48 -7.64 17.28 -11.67
C PHE A 48 -9.10 17.64 -11.89
N GLU A 49 -9.42 18.19 -13.06
CA GLU A 49 -10.80 18.55 -13.37
C GLU A 49 -11.67 17.31 -13.41
N SER A 50 -11.15 16.21 -13.98
CA SER A 50 -11.92 14.99 -14.11
C SER A 50 -12.13 14.31 -12.76
N MET A 51 -11.13 14.36 -11.87
CA MET A 51 -11.17 13.64 -10.60
C MET A 51 -11.66 14.49 -9.43
N GLY A 52 -11.48 15.81 -9.47
CA GLY A 52 -11.79 16.62 -8.30
C GLY A 52 -10.65 16.65 -7.30
N ALA A 53 -11.00 16.87 -6.03
CA ALA A 53 -10.02 16.92 -4.95
C ALA A 53 -10.44 15.93 -3.87
N LEU A 54 -9.76 14.79 -3.81
CA LEU A 54 -9.97 13.84 -2.72
C LEU A 54 -9.62 14.52 -1.39
N PRO A 55 -10.32 14.16 -0.31
CA PRO A 55 -9.94 14.72 0.99
C PRO A 55 -8.57 14.21 1.41
N ASN A 56 -7.91 15.00 2.25
CA ASN A 56 -6.65 14.61 2.88
C ASN A 56 -5.49 14.50 1.90
N ARG A 57 -5.61 15.12 0.73
CA ARG A 57 -4.50 15.23 -0.22
C ARG A 57 -4.29 16.71 -0.51
N LYS A 58 -3.09 17.04 -0.97
CA LYS A 58 -2.75 18.39 -1.43
C LYS A 58 -2.37 18.31 -2.88
N TYR A 59 -2.78 19.30 -3.67
CA TYR A 59 -2.66 19.23 -5.12
C TYR A 59 -1.85 20.40 -5.69
N ALA A 60 -0.88 20.07 -6.53
CA ALA A 60 -0.20 21.02 -7.40
C ALA A 60 -0.68 20.72 -8.81
N VAL A 61 -1.40 21.66 -9.41
CA VAL A 61 -2.05 21.47 -10.71
C VAL A 61 -1.36 22.38 -11.71
N VAL A 62 -1.01 21.85 -12.88
CA VAL A 62 -0.40 22.67 -13.93
C VAL A 62 -1.45 22.98 -14.99
N THR A 63 -1.41 24.21 -15.49
CA THR A 63 -2.30 24.62 -16.56
C THR A 63 -1.59 25.66 -17.41
N ARG A 64 -1.93 25.70 -18.69
CA ARG A 64 -1.51 26.77 -19.59
C ARG A 64 -2.57 27.84 -19.77
N SER A 65 -3.73 27.67 -19.14
CA SER A 65 -4.87 28.53 -19.42
C SER A 65 -5.44 29.19 -18.15
N PHE A 67 -6.93 28.30 -15.56
CA PHE A 67 -7.80 27.50 -14.71
C PHE A 67 -7.57 27.90 -13.25
N THR A 68 -8.64 28.02 -12.48
CA THR A 68 -8.56 28.44 -11.10
C THR A 68 -9.30 27.46 -10.19
N SER A 69 -9.02 27.56 -8.89
CA SER A 69 -9.69 26.75 -7.87
C SER A 69 -9.88 27.54 -6.58
N ASN A 71 -10.08 26.20 -3.30
CA ASN A 71 -9.69 25.17 -2.34
C ASN A 71 -8.28 25.47 -1.84
N GLU A 72 -8.15 25.61 -0.52
CA GLU A 72 -6.86 25.98 0.06
C GLU A 72 -5.83 24.86 0.01
N ASN A 73 -6.23 23.65 -0.39
CA ASN A 73 -5.30 22.54 -0.56
C ASN A 73 -4.84 22.37 -2.01
N VAL A 74 -5.12 23.35 -2.87
CA VAL A 74 -4.84 23.26 -4.29
C VAL A 74 -4.01 24.47 -4.71
N LEU A 75 -2.82 24.22 -5.23
CA LEU A 75 -1.96 25.26 -5.78
C LEU A 75 -1.91 25.07 -7.30
N ILE A 76 -2.05 26.17 -8.04
CA ILE A 76 -2.12 26.13 -9.49
C ILE A 76 -0.90 26.84 -10.05
N PHE A 77 -0.22 26.19 -11.00
CA PHE A 77 1.03 26.67 -11.56
C PHE A 77 0.94 26.73 -13.08
N PRO A 78 1.60 27.71 -13.70
CA PRO A 78 1.52 27.85 -15.15
C PRO A 78 2.51 26.97 -15.90
N SER A 79 3.37 26.25 -15.21
CA SER A 79 4.31 25.35 -15.87
C SER A 79 4.78 24.31 -14.87
N ILE A 80 5.31 23.21 -15.41
CA ILE A 80 5.88 22.16 -14.56
C ILE A 80 7.15 22.66 -13.88
N LYS A 81 7.95 23.44 -14.59
CA LYS A 81 9.16 24.01 -13.99
C LYS A 81 8.80 24.83 -12.76
N ASP A 82 7.78 25.68 -12.88
CA ASP A 82 7.37 26.52 -11.76
C ASP A 82 6.82 25.68 -10.61
N ALA A 83 6.02 24.66 -10.94
CA ALA A 83 5.45 23.80 -9.92
C ALA A 83 6.55 23.14 -9.10
N LEU A 84 7.55 22.57 -9.76
CA LEU A 84 8.62 21.90 -9.04
C LEU A 84 9.47 22.87 -8.22
N THR A 85 9.76 24.05 -8.77
CA THR A 85 10.54 25.03 -8.02
C THR A 85 9.82 25.41 -6.74
N ASN A 86 8.51 25.65 -6.82
CA ASN A 86 7.75 26.05 -5.64
C ASN A 86 7.56 24.88 -4.68
N LEU A 87 7.32 23.67 -5.21
CA LEU A 87 7.08 22.54 -4.33
C LEU A 87 8.30 22.22 -3.48
N LYS A 88 9.50 22.41 -4.02
CA LYS A 88 10.72 22.19 -3.25
C LYS A 88 10.80 23.07 -2.02
N LYS A 89 10.11 24.22 -2.04
N LYS A 89 10.08 24.19 -2.01
CA LYS A 89 10.12 25.09 -0.87
CA LYS A 89 10.09 25.13 -0.89
C LYS A 89 9.34 24.47 0.28
C LYS A 89 9.06 24.79 0.18
N ILE A 90 8.25 23.77 -0.03
CA ILE A 90 7.26 23.38 0.98
C ILE A 90 7.20 21.90 1.30
N THR A 91 7.82 21.03 0.49
CA THR A 91 7.72 19.61 0.77
C THR A 91 8.98 18.89 0.31
N ASP A 92 9.23 17.74 0.93
CA ASP A 92 10.31 16.85 0.54
C ASP A 92 9.84 15.72 -0.37
N HIS A 93 8.56 15.66 -0.72
CA HIS A 93 8.10 14.52 -1.52
C HIS A 93 6.85 14.93 -2.30
N VAL A 94 6.86 14.66 -3.60
CA VAL A 94 5.69 14.88 -4.45
C VAL A 94 5.41 13.61 -5.22
N ILE A 95 4.13 13.26 -5.37
CA ILE A 95 3.73 12.10 -6.15
C ILE A 95 3.07 12.56 -7.44
N VAL A 96 3.69 12.22 -8.56
CA VAL A 96 3.13 12.50 -9.87
C VAL A 96 1.95 11.55 -10.10
N SER A 97 0.75 12.10 -10.28
N SER A 97 0.75 12.10 -10.27
CA SER A 97 -0.48 11.30 -10.25
CA SER A 97 -0.48 11.33 -10.22
C SER A 97 -1.32 11.45 -11.51
C SER A 97 -1.24 11.28 -11.55
N GLY A 98 -0.70 11.86 -12.61
CA GLY A 98 -1.31 11.80 -13.93
C GLY A 98 -1.70 13.19 -14.42
N GLY A 99 -2.24 13.23 -15.64
CA GLY A 99 -2.46 12.07 -16.49
C GLY A 99 -1.35 11.82 -17.50
N GLY A 100 -1.74 11.41 -18.72
CA GLY A 100 -0.75 10.96 -19.69
C GLY A 100 0.31 12.00 -20.03
N GLU A 101 -0.11 13.24 -20.23
CA GLU A 101 0.84 14.31 -20.55
C GLU A 101 1.83 14.51 -19.41
N ILE A 102 1.32 14.58 -18.18
CA ILE A 102 2.19 14.81 -17.04
C ILE A 102 3.13 13.63 -16.84
N TYR A 103 2.62 12.40 -16.99
CA TYR A 103 3.52 11.24 -16.88
C TYR A 103 4.63 11.30 -17.92
N LYS A 104 4.30 11.67 -19.16
CA LYS A 104 5.31 11.69 -20.21
C LYS A 104 6.33 12.79 -19.97
N SER A 105 5.89 13.94 -19.42
CA SER A 105 6.81 15.03 -19.10
C SER A 105 7.77 14.66 -17.98
N LEU A 106 7.30 13.90 -16.98
CA LEU A 106 8.07 13.74 -15.76
C LEU A 106 8.71 12.37 -15.56
N ILE A 107 8.40 11.38 -16.40
CA ILE A 107 8.93 10.02 -16.21
C ILE A 107 10.45 10.01 -16.08
N ASP A 108 11.15 10.90 -16.80
N ASP A 108 11.15 10.90 -16.79
CA ASP A 108 12.60 10.94 -16.75
CA ASP A 108 12.61 10.91 -16.73
C ASP A 108 13.16 11.75 -15.58
C ASP A 108 13.16 11.53 -15.45
N GLN A 109 12.31 12.16 -14.63
CA GLN A 109 12.77 12.86 -13.43
C GLN A 109 12.38 12.15 -12.14
N VAL A 110 11.51 11.16 -12.19
N VAL A 110 11.54 11.12 -12.22
CA VAL A 110 10.99 10.59 -10.97
CA VAL A 110 10.97 10.46 -11.06
C VAL A 110 11.95 9.52 -10.43
C VAL A 110 11.96 9.48 -10.44
N ASP A 111 11.87 9.30 -9.12
CA ASP A 111 12.75 8.40 -8.40
C ASP A 111 12.14 7.02 -8.12
N THR A 112 10.81 6.94 -7.93
CA THR A 112 10.14 5.72 -7.52
C THR A 112 8.83 5.60 -8.30
N LEU A 113 8.57 4.42 -8.87
CA LEU A 113 7.33 4.16 -9.60
C LEU A 113 6.47 3.19 -8.80
N HIS A 114 5.19 3.52 -8.70
CA HIS A 114 4.16 2.62 -8.20
C HIS A 114 3.27 2.29 -9.38
N ILE A 115 3.36 1.06 -9.88
CA ILE A 115 2.64 0.66 -11.09
C ILE A 115 1.73 -0.52 -10.75
N SER A 116 0.43 -0.32 -10.94
CA SER A 116 -0.54 -1.41 -10.86
C SER A 116 -0.91 -1.84 -12.27
N THR A 117 -0.63 -3.10 -12.61
CA THR A 117 -0.94 -3.63 -13.93
C THR A 117 -2.31 -4.29 -13.84
N ILE A 118 -3.25 -3.80 -14.65
CA ILE A 118 -4.66 -4.19 -14.56
C ILE A 118 -4.95 -5.19 -15.67
N ASP A 119 -5.56 -6.33 -15.32
CA ASP A 119 -5.73 -7.44 -16.26
C ASP A 119 -6.98 -7.24 -17.13
N ILE A 120 -6.89 -6.26 -18.03
CA ILE A 120 -7.99 -5.91 -18.93
C ILE A 120 -7.38 -5.22 -20.15
N GLU A 121 -8.09 -5.31 -21.28
CA GLU A 121 -7.70 -4.66 -22.53
C GLU A 121 -8.82 -3.73 -22.98
N PRO A 122 -8.87 -2.51 -22.44
CA PRO A 122 -10.02 -1.64 -22.67
C PRO A 122 -9.80 -0.77 -23.91
N GLU A 123 -10.89 -0.12 -24.33
CA GLU A 123 -10.78 0.95 -25.31
C GLU A 123 -10.14 2.17 -24.65
N GLY A 124 -9.48 2.98 -25.45
CA GLY A 124 -8.91 4.20 -24.90
C GLY A 124 -7.86 4.80 -25.81
N ASP A 125 -7.46 6.00 -25.45
CA ASP A 125 -6.61 6.83 -26.28
C ASP A 125 -5.51 7.52 -25.49
N VAL A 126 -5.29 7.13 -24.25
CA VAL A 126 -4.22 7.69 -23.42
C VAL A 126 -3.37 6.53 -22.94
N TYR A 127 -2.06 6.63 -23.21
CA TYR A 127 -1.09 5.58 -22.91
C TYR A 127 -0.04 6.10 -21.94
N PHE A 128 0.60 5.18 -21.26
CA PHE A 128 1.72 5.51 -20.40
C PHE A 128 3.01 5.54 -21.21
N PRO A 129 3.98 6.41 -20.85
CA PRO A 129 5.25 6.47 -21.59
C PRO A 129 6.08 5.22 -21.37
N GLU A 130 7.11 5.09 -22.21
CA GLU A 130 8.11 4.04 -22.02
C GLU A 130 8.86 4.27 -20.71
N ILE A 131 9.16 3.20 -20.01
CA ILE A 131 9.84 3.27 -18.72
C ILE A 131 11.34 3.27 -18.97
N PRO A 132 12.08 4.27 -18.47
CA PRO A 132 13.54 4.28 -18.63
C PRO A 132 14.17 2.99 -18.12
N SER A 133 15.26 2.59 -18.78
CA SER A 133 15.91 1.33 -18.46
C SER A 133 16.54 1.31 -17.08
N ASN A 134 16.78 2.47 -16.46
CA ASN A 134 17.44 2.49 -15.16
C ASN A 134 16.52 2.19 -14.00
N PHE A 135 15.24 1.90 -14.24
CA PHE A 135 14.34 1.46 -13.17
C PHE A 135 14.36 -0.05 -13.06
N ARG A 136 14.29 -0.55 -11.82
CA ARG A 136 14.17 -1.97 -11.56
C ARG A 136 13.06 -2.19 -10.54
N PRO A 137 12.28 -3.26 -10.67
CA PRO A 137 11.26 -3.55 -9.65
C PRO A 137 11.90 -4.09 -8.38
N VAL A 138 11.34 -3.67 -7.24
CA VAL A 138 11.83 -4.11 -5.94
C VAL A 138 10.75 -4.81 -5.11
N PHE A 139 9.50 -4.78 -5.52
CA PHE A 139 8.41 -5.35 -4.75
C PHE A 139 7.28 -5.65 -5.73
N THR A 140 6.65 -6.82 -5.57
CA THR A 140 5.49 -7.22 -6.36
C THR A 140 4.47 -7.94 -5.48
N GLN A 141 3.19 -7.62 -5.66
CA GLN A 141 2.12 -8.42 -5.03
C GLN A 141 0.93 -8.51 -5.98
N ASP A 142 0.38 -9.71 -6.09
CA ASP A 142 -0.75 -9.95 -6.96
C ASP A 142 -2.05 -9.91 -6.16
N PHE A 143 -3.12 -9.47 -6.84
CA PHE A 143 -4.45 -9.38 -6.25
C PHE A 143 -5.47 -9.99 -7.20
N ALA A 144 -6.32 -10.88 -6.69
CA ALA A 144 -7.44 -11.38 -7.46
C ALA A 144 -8.66 -10.53 -7.12
N SER A 145 -9.40 -10.11 -8.15
CA SER A 145 -10.56 -9.25 -7.93
C SER A 145 -11.50 -9.39 -9.14
N ASN A 146 -12.49 -8.49 -9.24
CA ASN A 146 -13.39 -8.54 -10.40
C ASN A 146 -12.61 -8.37 -11.70
N ILE A 147 -11.57 -7.53 -11.67
CA ILE A 147 -10.45 -7.53 -12.61
C ILE A 147 -9.20 -7.72 -11.76
N ASN A 148 -8.37 -8.70 -12.12
CA ASN A 148 -7.15 -8.94 -11.36
C ASN A 148 -6.15 -7.80 -11.58
N TYR A 149 -5.30 -7.58 -10.58
CA TYR A 149 -4.26 -6.56 -10.73
C TYR A 149 -3.02 -6.99 -9.97
N SER A 150 -1.88 -6.46 -10.41
CA SER A 150 -0.59 -6.73 -9.78
C SER A 150 0.10 -5.40 -9.50
N TYR A 151 0.52 -5.21 -8.26
CA TYR A 151 1.14 -3.97 -7.81
C TYR A 151 2.65 -4.17 -7.73
N GLN A 152 3.41 -3.23 -8.31
N GLN A 152 3.39 -3.28 -8.40
CA GLN A 152 4.86 -3.36 -8.37
CA GLN A 152 4.85 -3.32 -8.35
C GLN A 152 5.53 -2.01 -8.16
C GLN A 152 5.38 -1.94 -7.97
N ILE A 153 6.48 -1.96 -7.22
CA ILE A 153 7.24 -0.75 -6.92
C ILE A 153 8.59 -0.85 -7.62
N TRP A 154 8.95 0.19 -8.37
CA TRP A 154 10.23 0.27 -9.06
C TRP A 154 11.08 1.40 -8.49
N GLN A 155 12.38 1.18 -8.45
CA GLN A 155 13.33 2.17 -7.97
C GLN A 155 14.33 2.49 -9.07
N LYS A 156 14.70 3.76 -9.16
CA LYS A 156 15.72 4.24 -10.11
C LYS A 156 17.11 3.90 -9.62
N MET B 1 4.85 -21.15 -2.02
CA MET B 1 4.07 -20.10 -1.36
C MET B 1 5.01 -19.07 -0.75
N LYS B 2 4.72 -17.81 -0.99
CA LYS B 2 5.46 -16.70 -0.40
C LYS B 2 4.72 -16.24 0.85
N LEU B 3 5.47 -15.87 1.88
CA LEU B 3 4.89 -15.29 3.09
C LEU B 3 5.32 -13.83 3.25
N SER B 4 4.33 -12.97 3.46
CA SER B 4 4.56 -11.60 3.88
C SER B 4 4.16 -11.45 5.34
N LEU B 5 4.53 -10.31 5.92
CA LEU B 5 4.19 -9.97 7.29
C LEU B 5 3.89 -8.48 7.30
N MET B 6 2.81 -8.08 7.97
CA MET B 6 2.46 -6.66 8.07
C MET B 6 2.16 -6.30 9.52
N VAL B 7 2.78 -5.23 10.01
CA VAL B 7 2.68 -4.81 11.41
C VAL B 7 2.89 -3.30 11.49
N ALA B 8 2.29 -2.69 12.51
CA ALA B 8 2.55 -1.31 12.88
C ALA B 8 3.20 -1.33 14.26
N ILE B 9 4.40 -0.78 14.36
CA ILE B 9 5.18 -0.82 15.60
C ILE B 9 5.37 0.60 16.09
N SER B 10 5.09 0.84 17.36
CA SER B 10 5.32 2.14 17.96
C SER B 10 6.82 2.38 18.22
N LYS B 11 7.14 3.64 18.59
CA LYS B 11 8.52 4.06 18.74
C LYS B 11 9.26 3.31 19.86
N ASN B 12 8.56 2.79 20.85
CA ASN B 12 9.25 2.09 21.94
C ASN B 12 9.14 0.58 21.82
N GLY B 13 8.63 0.07 20.70
CA GLY B 13 8.53 -1.35 20.45
C GLY B 13 7.21 -2.00 20.83
N VAL B 14 6.26 -1.24 21.36
CA VAL B 14 4.95 -1.81 21.72
C VAL B 14 4.10 -1.95 20.46
N ILE B 15 3.46 -3.10 20.29
CA ILE B 15 2.45 -3.30 19.23
C ILE B 15 1.05 -3.50 19.77
N GLY B 16 0.88 -3.73 21.08
CA GLY B 16 -0.43 -4.01 21.63
C GLY B 16 -0.46 -3.81 23.12
N ASN B 17 -1.67 -3.60 23.63
CA ASN B 17 -1.91 -3.45 25.07
C ASN B 17 -3.15 -4.31 25.34
N GLY B 18 -2.93 -5.49 25.90
CA GLY B 18 -4.00 -6.46 25.98
C GLY B 18 -4.57 -6.75 24.60
N PRO B 19 -5.87 -6.55 24.42
CA PRO B 19 -6.49 -6.85 23.12
C PRO B 19 -6.48 -5.70 22.12
N ASP B 20 -5.90 -4.55 22.47
CA ASP B 20 -6.03 -3.36 21.66
C ASP B 20 -4.67 -2.91 21.13
N ILE B 21 -4.70 -2.23 19.99
CA ILE B 21 -3.56 -1.46 19.51
C ILE B 21 -3.67 -0.07 20.13
N PRO B 22 -2.68 0.38 20.94
CA PRO B 22 -2.85 1.57 21.77
C PRO B 22 -2.53 2.88 21.08
N TRP B 23 -3.07 3.06 19.87
CA TRP B 23 -3.00 4.34 19.16
C TRP B 23 -3.98 4.30 17.99
N SER B 24 -4.25 5.48 17.46
CA SER B 24 -5.02 5.62 16.21
C SER B 24 -4.30 6.67 15.38
N ALA B 25 -3.55 6.21 14.37
CA ALA B 25 -2.78 7.07 13.48
C ALA B 25 -3.59 7.18 12.19
N LYS B 26 -4.30 8.29 12.03
CA LYS B 26 -5.18 8.45 10.89
C LYS B 26 -4.41 8.30 9.58
N GLY B 27 -4.92 7.45 8.71
CA GLY B 27 -4.31 7.15 7.44
C GLY B 27 -3.56 5.83 7.40
N GLU B 28 -2.96 5.41 8.52
CA GLU B 28 -2.10 4.23 8.47
C GLU B 28 -2.89 2.98 8.12
N GLN B 29 -4.13 2.88 8.61
N GLN B 29 -4.13 2.88 8.61
CA GLN B 29 -4.96 1.73 8.34
CA GLN B 29 -4.94 1.71 8.32
C GLN B 29 -5.22 1.54 6.84
C GLN B 29 -5.14 1.51 6.82
N LEU B 30 -5.07 2.60 6.04
CA LEU B 30 -5.22 2.47 4.60
C LEU B 30 -4.16 1.56 4.01
N LEU B 31 -2.94 1.60 4.55
CA LEU B 31 -1.88 0.72 4.06
C LEU B 31 -2.27 -0.73 4.33
N PHE B 32 -2.76 -1.01 5.53
CA PHE B 32 -3.20 -2.36 5.88
C PHE B 32 -4.35 -2.81 4.99
N LYS B 33 -5.34 -1.95 4.79
CA LYS B 33 -6.47 -2.30 3.93
C LYS B 33 -6.02 -2.60 2.52
N ALA B 34 -5.12 -1.78 1.98
CA ALA B 34 -4.71 -1.94 0.60
C ALA B 34 -3.91 -3.23 0.41
N ILE B 35 -2.94 -3.49 1.29
CA ILE B 35 -2.07 -4.65 1.12
C ILE B 35 -2.80 -5.95 1.39
N THR B 36 -3.85 -5.93 2.23
CA THR B 36 -4.54 -7.17 2.58
C THR B 36 -5.78 -7.45 1.72
N TYR B 37 -6.09 -6.58 0.76
CA TYR B 37 -7.33 -6.74 0.00
C TYR B 37 -7.36 -8.07 -0.73
N ASN B 38 -8.42 -8.87 -0.47
CA ASN B 38 -8.59 -10.21 -1.05
C ASN B 38 -7.39 -11.13 -0.84
N GLN B 39 -6.67 -10.96 0.28
CA GLN B 39 -5.56 -11.81 0.63
C GLN B 39 -5.93 -12.77 1.77
N TRP B 40 -5.16 -13.84 1.86
CA TRP B 40 -5.21 -14.73 3.02
C TRP B 40 -4.33 -14.15 4.12
N LEU B 41 -4.93 -13.98 5.30
CA LEU B 41 -4.24 -13.49 6.48
C LEU B 41 -4.12 -14.62 7.49
N LEU B 42 -2.91 -14.87 7.96
N LEU B 42 -2.89 -14.90 7.92
CA LEU B 42 -2.67 -15.84 9.01
CA LEU B 42 -2.63 -15.81 9.03
C LEU B 42 -2.58 -15.08 10.34
C LEU B 42 -2.63 -15.00 10.32
N VAL B 43 -3.49 -15.38 11.26
CA VAL B 43 -3.64 -14.63 12.52
C VAL B 43 -3.79 -15.56 13.70
N GLY B 44 -3.27 -15.10 14.84
CA GLY B 44 -3.52 -15.79 16.09
C GLY B 44 -4.96 -15.56 16.57
N ARG B 45 -5.41 -16.50 17.42
CA ARG B 45 -6.81 -16.45 17.88
C ARG B 45 -7.14 -15.14 18.58
N LYS B 46 -6.21 -14.62 19.39
CA LYS B 46 -6.51 -13.42 20.16
C LYS B 46 -6.70 -12.22 19.24
N THR B 47 -5.81 -12.07 18.25
CA THR B 47 -5.96 -10.99 17.28
C THR B 47 -7.25 -11.13 16.49
N PHE B 48 -7.61 -12.37 16.12
CA PHE B 48 -8.84 -12.55 15.37
C PHE B 48 -10.06 -12.15 16.19
N GLU B 49 -10.08 -12.49 17.48
CA GLU B 49 -11.21 -12.06 18.31
C GLU B 49 -11.31 -10.54 18.40
N SER B 50 -10.17 -9.83 18.40
N SER B 50 -10.17 -9.84 18.38
CA SER B 50 -10.20 -8.40 18.55
CA SER B 50 -10.21 -8.39 18.47
C SER B 50 -10.51 -7.67 17.24
C SER B 50 -10.62 -7.74 17.15
N MET B 51 -10.05 -8.19 16.11
N MET B 51 -10.01 -8.18 16.04
CA MET B 51 -10.28 -7.53 14.82
CA MET B 51 -10.27 -7.54 14.75
C MET B 51 -11.58 -7.97 14.15
C MET B 51 -11.60 -7.96 14.15
N GLY B 52 -11.98 -9.22 14.33
CA GLY B 52 -13.15 -9.76 13.66
C GLY B 52 -12.87 -10.05 12.19
N ALA B 53 -13.88 -10.61 11.52
CA ALA B 53 -13.75 -10.99 10.11
C ALA B 53 -14.12 -9.80 9.24
N LEU B 54 -13.14 -8.95 8.95
CA LEU B 54 -13.44 -7.77 8.14
C LEU B 54 -13.64 -8.14 6.67
N PRO B 55 -14.48 -7.39 5.95
CA PRO B 55 -14.84 -7.80 4.59
C PRO B 55 -13.65 -7.79 3.66
N ASN B 56 -13.74 -8.60 2.60
CA ASN B 56 -12.75 -8.69 1.52
C ASN B 56 -11.42 -9.25 1.98
N ARG B 57 -11.37 -9.93 3.11
N ARG B 57 -11.40 -9.94 3.11
CA ARG B 57 -10.19 -10.66 3.52
CA ARG B 57 -10.23 -10.64 3.60
C ARG B 57 -10.59 -12.08 3.82
C ARG B 57 -10.61 -12.10 3.81
N LYS B 58 -9.62 -12.98 3.74
CA LYS B 58 -9.79 -14.38 4.10
C LYS B 58 -8.83 -14.69 5.23
N TYR B 59 -9.25 -15.53 6.18
CA TYR B 59 -8.51 -15.68 7.42
C TYR B 59 -8.18 -17.13 7.68
N ALA B 60 -6.92 -17.37 8.04
CA ALA B 60 -6.48 -18.64 8.61
C ALA B 60 -6.15 -18.35 10.07
N VAL B 61 -6.98 -18.82 10.98
CA VAL B 61 -6.83 -18.56 12.41
C VAL B 61 -6.24 -19.79 13.07
N VAL B 62 -5.22 -19.62 13.91
CA VAL B 62 -4.64 -20.74 14.64
C VAL B 62 -5.07 -20.69 16.10
N THR B 63 -5.45 -21.86 16.63
CA THR B 63 -5.85 -21.97 18.02
C THR B 63 -5.54 -23.39 18.47
N ARG B 64 -5.26 -23.54 19.76
CA ARG B 64 -5.10 -24.86 20.36
C ARG B 64 -6.37 -25.32 21.06
N SER B 65 -7.43 -24.52 21.02
CA SER B 65 -8.68 -24.81 21.70
C SER B 65 -9.75 -25.21 20.68
N SER B 66 -10.99 -25.32 21.16
CA SER B 66 -12.13 -25.57 20.30
C SER B 66 -12.73 -24.29 19.74
N PHE B 67 -11.96 -23.20 19.70
CA PHE B 67 -12.46 -21.95 19.13
C PHE B 67 -12.88 -22.18 17.69
N THR B 68 -14.04 -21.64 17.33
CA THR B 68 -14.60 -21.85 15.99
C THR B 68 -15.15 -20.55 15.45
N SER B 69 -15.43 -20.57 14.15
CA SER B 69 -16.12 -19.50 13.46
C SER B 69 -16.94 -20.12 12.35
N ASP B 70 -18.16 -19.62 12.14
CA ASP B 70 -19.02 -20.09 11.07
C ASP B 70 -18.95 -19.21 9.83
N ASN B 71 -18.06 -18.22 9.82
CA ASN B 71 -17.92 -17.32 8.68
C ASN B 71 -17.25 -18.06 7.53
N GLU B 72 -17.82 -17.95 6.33
CA GLU B 72 -17.32 -18.77 5.21
C GLU B 72 -15.94 -18.34 4.74
N ASN B 73 -15.46 -17.17 5.15
CA ASN B 73 -14.12 -16.71 4.81
C ASN B 73 -13.11 -16.89 5.95
N VAL B 74 -13.45 -17.70 6.95
CA VAL B 74 -12.56 -17.95 8.07
C VAL B 74 -12.33 -19.45 8.19
N LEU B 75 -11.07 -19.85 8.21
CA LEU B 75 -10.68 -21.24 8.40
C LEU B 75 -9.94 -21.33 9.74
N ILE B 76 -10.26 -22.35 10.54
CA ILE B 76 -9.64 -22.55 11.84
C ILE B 76 -8.73 -23.77 11.79
N PHE B 77 -7.48 -23.59 12.23
CA PHE B 77 -6.44 -24.60 12.16
C PHE B 77 -5.86 -24.85 13.55
N PRO B 78 -5.49 -26.09 13.87
CA PRO B 78 -4.95 -26.40 15.20
C PRO B 78 -3.48 -26.08 15.38
N SER B 79 -2.80 -25.64 14.32
CA SER B 79 -1.38 -25.32 14.43
C SER B 79 -1.01 -24.43 13.26
N ILE B 80 0.10 -23.70 13.42
CA ILE B 80 0.63 -22.91 12.32
C ILE B 80 1.08 -23.83 11.18
N LYS B 81 1.62 -25.00 11.52
CA LYS B 81 2.07 -25.94 10.49
C LYS B 81 0.89 -26.40 9.62
N ASP B 82 -0.23 -26.77 10.24
N ASP B 82 -0.23 -26.78 10.25
CA ASP B 82 -1.39 -27.22 9.49
CA ASP B 82 -1.39 -27.22 9.47
C ASP B 82 -1.98 -26.09 8.66
C ASP B 82 -1.97 -26.08 8.65
N ALA B 83 -1.96 -24.86 9.19
CA ALA B 83 -2.44 -23.72 8.41
C ALA B 83 -1.62 -23.56 7.14
N LEU B 84 -0.29 -23.63 7.26
CA LEU B 84 0.58 -23.34 6.14
C LEU B 84 0.55 -24.45 5.09
N THR B 85 0.56 -25.71 5.52
CA THR B 85 0.47 -26.80 4.56
C THR B 85 -0.87 -26.81 3.84
N ASN B 86 -1.95 -26.43 4.53
CA ASN B 86 -3.24 -26.35 3.88
C ASN B 86 -3.36 -25.13 2.98
N LEU B 87 -2.84 -23.98 3.41
CA LEU B 87 -2.90 -22.78 2.58
C LEU B 87 -2.16 -22.96 1.26
N LYS B 88 -1.06 -23.71 1.29
CA LYS B 88 -0.30 -23.98 0.06
C LYS B 88 -1.14 -24.68 -0.99
N LYS B 89 -2.21 -25.39 -0.58
CA LYS B 89 -3.09 -26.05 -1.54
C LYS B 89 -3.94 -25.06 -2.33
N ILE B 90 -4.17 -23.86 -1.79
CA ILE B 90 -5.10 -22.90 -2.38
C ILE B 90 -4.45 -21.62 -2.89
N THR B 91 -3.37 -21.17 -2.25
CA THR B 91 -2.85 -19.84 -2.52
C THR B 91 -1.33 -19.88 -2.60
N ASP B 92 -0.77 -18.91 -3.31
CA ASP B 92 0.67 -18.73 -3.41
C ASP B 92 1.18 -17.61 -2.49
N HIS B 93 0.32 -17.00 -1.69
CA HIS B 93 0.74 -15.88 -0.88
C HIS B 93 -0.12 -15.81 0.37
N VAL B 94 0.52 -15.73 1.54
CA VAL B 94 -0.16 -15.54 2.80
C VAL B 94 0.50 -14.37 3.52
N ILE B 95 -0.32 -13.52 4.15
CA ILE B 95 0.17 -12.38 4.93
C ILE B 95 0.02 -12.65 6.42
N VAL B 96 1.14 -12.71 7.13
CA VAL B 96 1.12 -12.88 8.58
C VAL B 96 0.70 -11.56 9.19
N SER B 97 -0.43 -11.57 9.92
N SER B 97 -0.41 -11.58 9.95
CA SER B 97 -1.07 -10.34 10.37
CA SER B 97 -1.07 -10.35 10.38
C SER B 97 -1.17 -10.20 11.88
C SER B 97 -1.25 -10.27 11.89
N GLY B 98 -0.45 -11.01 12.65
CA GLY B 98 -0.36 -10.83 14.09
C GLY B 98 -1.10 -11.93 14.84
N GLY B 99 -1.06 -11.85 16.16
CA GLY B 99 -0.37 -10.80 16.93
C GLY B 99 1.03 -11.17 17.36
N GLY B 100 1.40 -10.79 18.59
CA GLY B 100 2.78 -10.95 19.03
C GLY B 100 3.30 -12.38 18.94
N GLU B 101 2.50 -13.35 19.38
CA GLU B 101 2.95 -14.74 19.35
C GLU B 101 3.15 -15.21 17.92
N ILE B 102 2.23 -14.85 17.02
CA ILE B 102 2.32 -15.32 15.65
C ILE B 102 3.49 -14.65 14.92
N TYR B 103 3.74 -13.37 15.20
CA TYR B 103 4.91 -12.72 14.61
C TYR B 103 6.20 -13.38 15.07
N LYS B 104 6.29 -13.69 16.36
CA LYS B 104 7.49 -14.33 16.89
C LYS B 104 7.70 -15.70 16.24
N SER B 105 6.61 -16.46 16.05
N SER B 105 6.63 -16.47 16.07
CA SER B 105 6.72 -17.81 15.50
CA SER B 105 6.77 -17.80 15.50
C SER B 105 7.06 -17.81 14.02
C SER B 105 7.21 -17.74 14.04
N LEU B 106 6.73 -16.75 13.29
CA LEU B 106 6.85 -16.79 11.84
C LEU B 106 7.90 -15.85 11.24
N ILE B 107 8.49 -14.95 12.02
CA ILE B 107 9.39 -13.94 11.46
C ILE B 107 10.53 -14.57 10.66
N ASP B 108 11.07 -15.69 11.13
CA ASP B 108 12.18 -16.36 10.45
C ASP B 108 11.77 -17.08 9.17
N GLN B 109 10.48 -17.13 8.85
CA GLN B 109 9.98 -17.85 7.70
C GLN B 109 9.45 -16.93 6.62
N VAL B 110 9.32 -15.64 6.90
CA VAL B 110 8.66 -14.72 6.00
C VAL B 110 9.67 -14.15 5.01
N ASP B 111 9.15 -13.69 3.88
CA ASP B 111 9.97 -13.23 2.77
C ASP B 111 9.95 -11.71 2.60
N THR B 112 8.87 -11.06 3.02
CA THR B 112 8.67 -9.62 2.81
C THR B 112 8.03 -9.04 4.07
N LEU B 113 8.59 -7.95 4.57
CA LEU B 113 8.03 -7.25 5.73
C LEU B 113 7.44 -5.91 5.30
N HIS B 114 6.25 -5.62 5.82
CA HIS B 114 5.60 -4.32 5.70
C HIS B 114 5.55 -3.78 7.12
N ILE B 115 6.38 -2.79 7.42
CA ILE B 115 6.49 -2.25 8.79
C ILE B 115 6.14 -0.77 8.76
N SER B 116 5.13 -0.40 9.52
CA SER B 116 4.80 1.00 9.75
C SER B 116 5.30 1.37 11.14
N THR B 117 6.19 2.35 11.21
CA THR B 117 6.73 2.84 12.48
C THR B 117 5.91 4.04 12.91
N ILE B 118 5.29 3.95 14.07
CA ILE B 118 4.30 4.92 14.53
C ILE B 118 4.95 5.81 15.58
N ASP B 119 4.86 7.13 15.38
CA ASP B 119 5.55 8.10 16.25
C ASP B 119 4.74 8.34 17.54
N ILE B 120 4.75 7.33 18.41
CA ILE B 120 4.07 7.37 19.70
C ILE B 120 4.80 6.43 20.64
N GLU B 121 4.73 6.71 21.93
CA GLU B 121 5.40 5.90 22.96
C GLU B 121 4.33 5.44 23.95
N PRO B 122 3.55 4.44 23.60
CA PRO B 122 2.37 4.07 24.38
C PRO B 122 2.71 3.04 25.45
N GLU B 123 1.73 2.82 26.32
CA GLU B 123 1.77 1.70 27.25
C GLU B 123 1.34 0.43 26.54
N GLY B 124 1.93 -0.69 26.93
CA GLY B 124 1.46 -1.96 26.41
C GLY B 124 2.31 -3.12 26.88
N ASP B 125 1.95 -4.29 26.37
CA ASP B 125 2.50 -5.54 26.85
C ASP B 125 2.63 -6.59 25.75
N VAL B 126 2.63 -6.16 24.48
CA VAL B 126 2.83 -7.02 23.33
C VAL B 126 3.88 -6.35 22.47
N TYR B 127 4.84 -7.12 21.98
CA TYR B 127 6.04 -6.58 21.35
C TYR B 127 6.27 -7.28 20.02
N PHE B 128 7.40 -6.99 19.37
CA PHE B 128 7.71 -7.51 18.05
C PHE B 128 9.14 -8.02 18.02
N PRO B 129 9.42 -9.09 17.28
CA PRO B 129 10.79 -9.63 17.25
C PRO B 129 11.77 -8.70 16.56
N GLU B 130 13.05 -8.92 16.81
CA GLU B 130 14.06 -8.22 16.03
C GLU B 130 13.98 -8.66 14.57
N ILE B 131 14.26 -7.73 13.67
CA ILE B 131 14.25 -8.04 12.24
C ILE B 131 15.48 -8.87 11.94
N PRO B 132 15.34 -10.07 11.36
CA PRO B 132 16.52 -10.87 11.02
C PRO B 132 17.49 -10.11 10.12
N SER B 133 18.78 -10.43 10.27
CA SER B 133 19.83 -9.66 9.60
C SER B 133 19.78 -9.78 8.08
N ASN B 134 19.12 -10.79 7.54
CA ASN B 134 19.08 -10.96 6.08
C ASN B 134 18.01 -10.12 5.39
N PHE B 135 17.27 -9.28 6.11
CA PHE B 135 16.31 -8.37 5.49
C PHE B 135 16.95 -7.03 5.17
N ARG B 136 16.57 -6.46 4.02
CA ARG B 136 17.00 -5.15 3.61
C ARG B 136 15.80 -4.29 3.25
N PRO B 137 15.79 -3.02 3.63
CA PRO B 137 14.70 -2.13 3.22
C PRO B 137 14.82 -1.78 1.75
N VAL B 138 13.70 -1.85 1.03
CA VAL B 138 13.67 -1.55 -0.40
C VAL B 138 12.76 -0.38 -0.76
N PHE B 139 11.92 0.08 0.16
CA PHE B 139 11.01 1.18 -0.12
C PHE B 139 10.68 1.82 1.22
N THR B 140 10.62 3.16 1.25
CA THR B 140 10.24 3.89 2.46
C THR B 140 9.45 5.12 2.09
N GLN B 141 8.41 5.43 2.86
CA GLN B 141 7.67 6.68 2.68
C GLN B 141 7.16 7.20 4.01
N ASP B 142 7.37 8.49 4.28
CA ASP B 142 6.91 9.11 5.51
C ASP B 142 5.54 9.76 5.32
N PHE B 143 4.77 9.75 6.40
CA PHE B 143 3.44 10.33 6.43
C PHE B 143 3.29 11.23 7.64
N ALA B 144 2.81 12.45 7.42
CA ALA B 144 2.42 13.33 8.52
C ALA B 144 0.94 13.15 8.81
N SER B 145 0.59 12.99 10.07
CA SER B 145 -0.81 12.81 10.43
C SER B 145 -1.01 13.28 11.89
N ASN B 146 -2.14 12.91 12.50
CA ASN B 146 -2.31 13.25 13.91
C ASN B 146 -1.22 12.58 14.74
N ILE B 147 -0.85 11.36 14.37
CA ILE B 147 0.36 10.70 14.81
C ILE B 147 1.12 10.36 13.55
N ASN B 148 2.37 10.83 13.44
CA ASN B 148 3.11 10.58 12.22
C ASN B 148 3.47 9.10 12.12
N TYR B 149 3.69 8.64 10.90
CA TYR B 149 4.09 7.25 10.71
C TYR B 149 4.96 7.15 9.46
N SER B 150 5.81 6.13 9.45
CA SER B 150 6.68 5.88 8.30
C SER B 150 6.51 4.43 7.88
N TYR B 151 6.35 4.21 6.57
CA TYR B 151 6.09 2.88 6.04
C TYR B 151 7.34 2.40 5.33
N GLN B 152 7.75 1.16 5.61
CA GLN B 152 8.95 0.59 5.01
C GLN B 152 8.69 -0.87 4.63
N ILE B 153 9.10 -1.24 3.41
CA ILE B 153 9.02 -2.62 2.93
C ILE B 153 10.43 -3.19 2.94
N TRP B 154 10.58 -4.39 3.50
CA TRP B 154 11.85 -5.09 3.57
C TRP B 154 11.74 -6.40 2.79
N GLN B 155 12.84 -6.78 2.14
CA GLN B 155 12.91 -8.07 1.45
C GLN B 155 14.03 -8.92 2.03
N LYS B 156 13.77 -10.23 2.09
CA LYS B 156 14.76 -11.17 2.61
C LYS B 156 15.79 -11.52 1.54
N GLY B 157 17.06 -11.47 1.91
CA GLY B 157 18.13 -11.77 0.96
C GLY B 157 19.18 -12.72 1.52
#